data_5HKJ
#
_entry.id   5HKJ
#
_cell.length_a   81.115
_cell.length_b   52.729
_cell.length_c   89.930
_cell.angle_alpha   90.00
_cell.angle_beta   115.22
_cell.angle_gamma   90.00
#
_symmetry.space_group_name_H-M   'C 1 2 1'
#
loop_
_entity.id
_entity.type
_entity.pdbx_description
1 polymer 'Complement C1q subcomponent subunit A,Complement C1q subcomponent subunit C,Complement C1q subcomponent subunit B'
2 non-polymer 2-acetamido-2-deoxy-beta-D-glucopyranose
3 non-polymer 'CALCIUM ION'
4 water water
#
_entity_poly.entity_id   1
_entity_poly.type   'polypeptide(L)'
_entity_poly.pdbx_seq_one_letter_code
;KDQPRPAFSAIRRNPPMGGNVVIFDTVITNQEEPYQNHSGRFVCTVPGYYYFTFQVLSQWEICLSIVSSSRGQVRRSLGF
CDTTNKGLFQVVSGGMVLQLQQGDQVWVEKDPKKGHIYQGSEADSVFSGFLIFPSAGSGKQKFQSVFTVTRQTHQPPAPN
SLIRFNAVLTNPQGDYDTSTGKFTCKVPGLYYFVYHASHTANLCVLLYRSGVKVVTFCGHTSKTNQVNSGGVLLRLQVGE
EVWLAVNDYYDMVGIQGSDSVFSGFLLFPDGSAKATQKIAFSATRTINVPLRRDQTIRFDHVITNMNNNYEPRSGKFTCK
VPGLYYFTYHASSRGNLCVNLMRGRERAQKVVTFCDYAYNTFQVTTGGMVLKLEQGENVFLQATDKNSLLGMEGANSIFS
GFLLFPDMEA
;
_entity_poly.pdbx_strand_id   A
#
loop_
_chem_comp.id
_chem_comp.type
_chem_comp.name
_chem_comp.formula
CA non-polymer 'CALCIUM ION' 'Ca 2'
NAG D-saccharide, beta linking 2-acetamido-2-deoxy-beta-D-glucopyranose 'C8 H15 N O6'
#
# COMPACT_ATOMS: atom_id res chain seq x y z
N ASP A 2 -14.93 23.92 5.35
CA ASP A 2 -14.93 22.64 4.66
C ASP A 2 -14.35 21.53 5.52
N GLN A 3 -14.50 20.28 5.07
CA GLN A 3 -13.83 19.22 5.79
C GLN A 3 -12.34 19.27 5.50
N PRO A 4 -11.51 18.79 6.42
CA PRO A 4 -10.07 18.78 6.18
C PRO A 4 -9.76 17.75 5.10
N ARG A 5 -8.82 18.07 4.21
CA ARG A 5 -8.41 17.13 3.14
C ARG A 5 -6.90 16.97 3.02
N PRO A 6 -6.18 16.70 4.11
CA PRO A 6 -4.73 16.55 3.99
C PRO A 6 -4.37 15.22 3.34
N ALA A 7 -3.54 15.28 2.30
CA ALA A 7 -3.12 14.07 1.60
C ALA A 7 -1.93 14.42 0.72
N PHE A 8 -0.95 13.52 0.61
CA PHE A 8 0.20 13.82 -0.22
C PHE A 8 0.79 12.57 -0.83
N SER A 9 1.53 12.80 -1.92
CA SER A 9 2.51 11.83 -2.44
C SER A 9 3.72 12.61 -2.93
N ALA A 10 4.91 12.08 -2.68
CA ALA A 10 6.14 12.70 -3.12
C ALA A 10 7.09 11.59 -3.55
N ILE A 11 7.93 11.90 -4.53
CA ILE A 11 8.85 10.94 -5.11
C ILE A 11 10.26 11.52 -5.05
N ARG A 12 11.23 10.70 -5.39
CA ARG A 12 12.63 11.15 -5.43
C ARG A 12 13.04 11.46 -6.86
N ARG A 13 13.74 12.56 -7.04
CA ARG A 13 14.28 12.89 -8.34
C ARG A 13 15.62 13.57 -8.16
N ASN A 14 15.62 14.67 -7.43
CA ASN A 14 16.86 15.41 -7.14
C ASN A 14 16.98 15.59 -5.64
N PRO A 15 17.05 14.49 -4.86
CA PRO A 15 17.00 14.60 -3.41
C PRO A 15 18.28 15.16 -2.84
N PRO A 16 18.18 16.01 -1.81
CA PRO A 16 19.37 16.39 -1.05
C PRO A 16 20.03 15.16 -0.43
N MET A 17 21.32 15.31 -0.18
CA MET A 17 22.22 14.22 0.15
C MET A 17 22.59 14.30 1.62
N GLY A 18 22.45 13.19 2.33
CA GLY A 18 23.02 12.95 3.63
C GLY A 18 21.96 12.97 4.73
N GLY A 19 22.34 12.45 5.90
CA GLY A 19 21.36 12.23 6.93
C GLY A 19 20.65 10.93 6.69
N ASN A 20 19.90 10.49 7.70
CA ASN A 20 19.16 9.23 7.56
C ASN A 20 17.71 9.43 7.29
N VAL A 21 17.21 10.63 7.20
CA VAL A 21 15.85 10.88 6.75
C VAL A 21 15.83 10.80 5.23
N VAL A 22 14.89 10.03 4.68
CA VAL A 22 14.79 9.87 3.23
C VAL A 22 13.95 11.02 2.68
N ILE A 23 14.56 11.93 1.96
CA ILE A 23 13.84 13.11 1.47
C ILE A 23 13.27 12.78 0.10
N PHE A 24 11.93 12.86 -0.01
CA PHE A 24 11.25 12.73 -1.30
C PHE A 24 11.02 14.16 -1.81
N ASP A 25 11.88 14.61 -2.73
CA ASP A 25 11.99 16.04 -3.02
C ASP A 25 10.94 16.53 -4.01
N THR A 26 10.32 15.63 -4.78
CA THR A 26 9.44 16.04 -5.87
C THR A 26 7.99 15.72 -5.50
N VAL A 27 7.18 16.75 -5.36
CA VAL A 27 5.80 16.56 -4.91
C VAL A 27 4.92 16.25 -6.11
N ILE A 28 4.13 15.18 -5.99
CA ILE A 28 3.04 14.90 -6.91
C ILE A 28 1.75 15.51 -6.44
N THR A 29 1.39 15.28 -5.17
CA THR A 29 0.16 15.81 -4.56
C THR A 29 0.50 16.29 -3.17
N ASN A 30 -0.08 17.41 -2.74
CA ASN A 30 0.18 17.89 -1.37
C ASN A 30 -0.95 18.79 -0.91
N GLN A 31 -2.15 18.21 -0.84
CA GLN A 31 -3.34 18.99 -0.50
C GLN A 31 -3.27 19.43 0.95
N GLU A 32 -3.42 20.73 1.19
N GLU A 32 -3.37 20.74 1.18
CA GLU A 32 -3.23 21.45 2.44
CA GLU A 32 -3.20 21.43 2.48
C GLU A 32 -1.76 21.72 2.73
C GLU A 32 -1.73 21.51 2.84
N GLU A 33 -0.84 21.22 1.90
CA GLU A 33 0.63 21.30 2.07
C GLU A 33 1.20 20.78 3.38
N PRO A 34 0.75 19.64 3.89
CA PRO A 34 1.35 19.14 5.13
C PRO A 34 2.75 18.59 4.92
N TYR A 35 3.07 18.13 3.71
CA TYR A 35 4.38 17.53 3.47
C TYR A 35 5.42 18.59 3.11
N GLN A 36 6.62 18.43 3.67
N GLN A 36 6.62 18.45 3.64
CA GLN A 36 7.76 19.32 3.47
CA GLN A 36 7.66 19.44 3.49
C GLN A 36 8.76 18.59 2.59
C GLN A 36 8.72 18.87 2.56
N ASN A 37 8.83 18.97 1.34
N ASN A 37 8.74 19.36 1.31
CA ASN A 37 9.75 18.30 0.45
CA ASN A 37 9.54 18.76 0.25
C ASN A 37 11.20 18.68 0.69
C ASN A 37 11.06 18.99 0.41
N HIS A 38 11.49 19.83 1.36
CA HIS A 38 12.90 20.11 1.64
C HIS A 38 13.46 19.26 2.78
N SER A 39 12.58 18.67 3.62
CA SER A 39 12.99 17.90 4.79
C SER A 39 12.53 16.46 4.77
N GLY A 40 11.57 16.12 3.94
CA GLY A 40 11.02 14.78 3.95
C GLY A 40 10.01 14.52 5.04
N ARG A 41 9.57 15.57 5.73
CA ARG A 41 8.69 15.40 6.90
C ARG A 41 7.27 15.84 6.57
N PHE A 42 6.30 14.98 6.91
CA PHE A 42 4.90 15.36 6.98
C PHE A 42 4.65 16.00 8.33
N VAL A 43 3.90 17.10 8.35
CA VAL A 43 3.52 17.77 9.60
C VAL A 43 2.01 17.66 9.77
N CYS A 44 1.58 17.19 10.93
CA CYS A 44 0.14 17.10 11.18
C CYS A 44 -0.42 18.46 11.65
N THR A 45 -1.43 18.95 10.93
CA THR A 45 -2.26 20.07 11.39
C THR A 45 -3.59 19.58 11.97
N VAL A 46 -4.26 18.67 11.27
CA VAL A 46 -5.55 18.15 11.67
C VAL A 46 -5.33 16.87 12.48
N PRO A 47 -5.65 16.85 13.79
CA PRO A 47 -5.38 15.63 14.54
C PRO A 47 -6.33 14.53 14.10
N GLY A 48 -5.83 13.31 14.10
CA GLY A 48 -6.69 12.19 13.73
C GLY A 48 -5.87 10.98 13.33
N TYR A 49 -6.55 10.03 12.71
CA TYR A 49 -5.91 8.81 12.19
C TYR A 49 -5.56 9.01 10.74
N TYR A 50 -4.34 8.70 10.40
CA TYR A 50 -3.76 8.85 9.07
C TYR A 50 -3.19 7.53 8.64
N TYR A 51 -3.14 7.31 7.34
CA TYR A 51 -2.42 6.17 6.77
C TYR A 51 -1.20 6.68 6.07
N PHE A 52 -0.06 6.01 6.29
CA PHE A 52 1.20 6.34 5.65
C PHE A 52 1.78 5.11 4.99
N THR A 53 2.39 5.29 3.82
CA THR A 53 2.94 4.13 3.11
C THR A 53 4.09 4.57 2.21
N PHE A 54 5.02 3.67 1.97
CA PHE A 54 6.08 3.95 1.01
C PHE A 54 6.34 2.75 0.15
N GLN A 55 6.87 3.01 -1.05
CA GLN A 55 7.31 1.98 -1.99
C GLN A 55 8.63 2.51 -2.54
N VAL A 56 9.76 1.95 -2.11
CA VAL A 56 11.06 2.54 -2.37
C VAL A 56 11.94 1.53 -3.09
N LEU A 57 12.64 2.03 -4.11
CA LEU A 57 13.45 1.18 -4.99
C LEU A 57 14.89 1.10 -4.52
N SER A 58 15.43 -0.11 -4.41
CA SER A 58 16.82 -0.37 -4.09
C SER A 58 17.38 -1.34 -5.10
N GLN A 59 18.70 -1.38 -5.20
CA GLN A 59 19.37 -2.40 -5.96
C GLN A 59 20.27 -3.27 -5.09
N TRP A 60 20.39 -2.96 -3.79
CA TRP A 60 21.40 -3.63 -2.94
C TRP A 60 20.77 -4.04 -1.63
N GLU A 61 21.04 -3.34 -0.53
CA GLU A 61 20.35 -3.60 0.73
C GLU A 61 19.69 -2.32 1.22
N ILE A 62 18.45 -2.44 1.65
CA ILE A 62 17.72 -1.30 2.17
CA ILE A 62 17.71 -1.30 2.17
C ILE A 62 16.86 -1.74 3.35
N CYS A 63 16.87 -0.93 4.40
CA CYS A 63 15.95 -1.10 5.51
C CYS A 63 15.37 0.27 5.86
N LEU A 64 14.07 0.39 5.84
CA LEU A 64 13.39 1.67 6.06
C LEU A 64 12.37 1.58 7.18
N SER A 65 12.07 2.69 7.83
N SER A 65 12.15 2.70 7.87
CA SER A 65 11.06 2.66 8.87
CA SER A 65 11.11 2.79 8.89
C SER A 65 10.32 3.98 8.86
C SER A 65 10.26 4.04 8.67
N ILE A 66 8.99 3.94 8.99
CA ILE A 66 8.16 5.14 9.18
C ILE A 66 8.27 5.51 10.66
N VAL A 67 8.79 6.70 10.95
N VAL A 67 8.85 6.70 10.94
CA VAL A 67 9.07 7.15 12.32
CA VAL A 67 9.17 7.26 12.26
C VAL A 67 8.46 8.53 12.52
C VAL A 67 8.27 8.47 12.46
N SER A 68 7.90 8.78 13.70
CA SER A 68 7.13 9.99 13.97
C SER A 68 7.77 10.73 15.13
N SER A 69 7.25 11.92 15.41
CA SER A 69 7.69 12.65 16.59
C SER A 69 6.49 13.28 17.22
N SER A 70 6.62 13.57 18.50
N SER A 70 6.60 13.52 18.52
CA SER A 70 5.61 14.30 19.20
CA SER A 70 5.61 14.24 19.31
C SER A 70 6.34 15.15 20.22
C SER A 70 6.38 15.15 20.23
N ARG A 71 6.04 16.45 20.23
CA ARG A 71 6.77 17.42 21.04
C ARG A 71 8.27 17.35 20.77
N GLY A 72 8.63 17.01 19.52
CA GLY A 72 10.02 16.91 19.10
C GLY A 72 10.72 15.63 19.52
N GLN A 73 10.05 14.71 20.22
CA GLN A 73 10.64 13.45 20.68
C GLN A 73 10.35 12.34 19.71
N VAL A 74 11.38 11.65 19.34
CA VAL A 74 11.29 10.71 18.23
C VAL A 74 10.64 9.41 18.70
N ARG A 75 9.72 8.88 17.90
CA ARG A 75 9.02 7.63 18.20
C ARG A 75 9.36 6.61 17.09
N ARG A 76 10.32 5.72 17.38
CA ARG A 76 10.76 4.69 16.46
C ARG A 76 9.69 3.63 16.26
N SER A 77 9.78 2.85 15.18
CA SER A 77 8.65 2.03 14.83
C SER A 77 9.13 0.88 13.94
N LEU A 78 8.16 0.19 13.32
CA LEU A 78 8.45 -0.99 12.52
C LEU A 78 9.35 -0.67 11.35
N GLY A 79 10.09 -1.67 10.90
CA GLY A 79 10.95 -1.49 9.76
C GLY A 79 10.57 -2.48 8.67
N PHE A 80 11.08 -2.20 7.47
CA PHE A 80 10.86 -3.07 6.31
C PHE A 80 12.11 -3.05 5.47
N CYS A 81 12.56 -4.24 5.04
CA CYS A 81 13.85 -4.39 4.37
C CYS A 81 13.73 -5.20 3.10
N ASP A 82 14.62 -4.90 2.17
CA ASP A 82 14.92 -5.83 1.09
C ASP A 82 16.42 -5.98 1.04
N THR A 83 16.92 -7.22 1.22
CA THR A 83 18.37 -7.47 1.25
C THR A 83 18.80 -8.46 0.15
N THR A 84 18.04 -8.51 -0.95
CA THR A 84 18.38 -9.40 -2.06
C THR A 84 19.84 -9.20 -2.49
N ASN A 85 20.26 -7.93 -2.67
CA ASN A 85 21.67 -7.56 -2.77
C ASN A 85 22.33 -8.07 -4.06
N LYS A 86 21.60 -8.01 -5.18
CA LYS A 86 22.09 -8.57 -6.43
C LYS A 86 22.19 -7.54 -7.54
N GLY A 87 21.94 -6.28 -7.26
CA GLY A 87 22.04 -5.28 -8.28
C GLY A 87 20.79 -5.06 -9.08
N LEU A 88 19.76 -5.89 -8.91
CA LEU A 88 18.51 -5.72 -9.63
C LEU A 88 17.56 -4.87 -8.81
N PHE A 89 16.71 -4.12 -9.51
CA PHE A 89 15.64 -3.37 -8.85
C PHE A 89 14.81 -4.26 -7.93
N GLN A 90 14.59 -3.82 -6.71
CA GLN A 90 13.63 -4.41 -5.79
C GLN A 90 12.88 -3.30 -5.11
N VAL A 91 11.57 -3.49 -4.92
CA VAL A 91 10.74 -2.50 -4.23
C VAL A 91 10.52 -2.96 -2.78
N VAL A 92 10.97 -2.18 -1.80
CA VAL A 92 10.64 -2.45 -0.43
C VAL A 92 9.40 -1.61 -0.10
N SER A 93 8.45 -2.14 0.63
CA SER A 93 7.21 -1.43 0.91
C SER A 93 6.84 -1.60 2.36
N GLY A 94 6.04 -0.66 2.86
CA GLY A 94 5.57 -0.75 4.25
C GLY A 94 4.56 0.37 4.46
N GLY A 95 3.79 0.24 5.51
CA GLY A 95 2.72 1.22 5.76
C GLY A 95 2.08 0.95 7.10
N MET A 96 1.42 1.99 7.63
CA MET A 96 0.67 1.80 8.88
C MET A 96 -0.26 2.98 9.13
N VAL A 97 -1.26 2.74 9.96
CA VAL A 97 -2.09 3.81 10.50
C VAL A 97 -1.30 4.43 11.65
N LEU A 98 -1.32 5.76 11.76
CA LEU A 98 -0.85 6.48 12.94
C LEU A 98 -1.90 7.44 13.40
N GLN A 99 -2.17 7.43 14.69
CA GLN A 99 -2.93 8.51 15.33
C GLN A 99 -2.01 9.68 15.66
N LEU A 100 -2.31 10.86 15.14
CA LEU A 100 -1.43 12.02 15.31
C LEU A 100 -2.12 13.17 15.99
N GLN A 101 -1.31 13.97 16.69
N GLN A 101 -1.31 13.99 16.64
CA GLN A 101 -1.70 15.23 17.31
CA GLN A 101 -1.73 15.22 17.27
C GLN A 101 -1.13 16.38 16.48
C GLN A 101 -1.12 16.37 16.48
N GLN A 102 -1.70 17.56 16.66
CA GLN A 102 -1.21 18.76 15.98
C GLN A 102 0.28 19.01 16.26
N GLY A 103 1.08 19.19 15.20
CA GLY A 103 2.51 19.37 15.33
C GLY A 103 3.33 18.09 15.23
N ASP A 104 2.69 16.93 15.32
CA ASP A 104 3.46 15.70 15.16
C ASP A 104 4.01 15.62 13.75
N GLN A 105 5.17 15.02 13.61
CA GLN A 105 5.76 14.90 12.29
C GLN A 105 5.96 13.42 12.00
N VAL A 106 6.03 13.08 10.72
CA VAL A 106 6.13 11.68 10.25
C VAL A 106 7.10 11.66 9.09
N TRP A 107 7.99 10.66 9.05
CA TRP A 107 8.96 10.64 7.95
C TRP A 107 9.45 9.20 7.79
N VAL A 108 10.23 9.00 6.74
CA VAL A 108 10.83 7.70 6.44
C VAL A 108 12.31 7.83 6.74
N GLU A 109 12.84 6.88 7.52
CA GLU A 109 14.23 6.85 7.89
C GLU A 109 14.89 5.61 7.35
N LYS A 110 16.12 5.70 6.88
CA LYS A 110 16.91 4.55 6.44
C LYS A 110 17.89 4.13 7.53
N ASP A 111 18.22 2.87 7.54
CA ASP A 111 19.25 2.31 8.38
C ASP A 111 20.58 2.75 7.80
N PRO A 112 21.47 3.36 8.58
CA PRO A 112 22.72 3.86 8.00
C PRO A 112 23.56 2.77 7.40
N LYS A 113 23.39 1.51 7.81
CA LYS A 113 24.17 0.42 7.24
C LYS A 113 23.46 -0.30 6.08
N LYS A 114 22.20 -0.07 5.87
CA LYS A 114 21.42 -0.70 4.79
C LYS A 114 20.55 0.38 4.18
N GLY A 115 21.16 1.25 3.38
CA GLY A 115 20.46 2.43 2.96
C GLY A 115 20.47 2.69 1.48
N HIS A 116 20.60 1.65 0.64
CA HIS A 116 20.77 1.94 -0.78
C HIS A 116 19.41 2.27 -1.39
N ILE A 117 19.32 3.44 -2.01
CA ILE A 117 18.12 3.82 -2.71
C ILE A 117 18.53 4.20 -4.12
N TYR A 118 17.86 3.64 -5.12
CA TYR A 118 18.17 3.96 -6.50
C TYR A 118 18.05 5.44 -6.78
N GLN A 119 18.96 5.95 -7.59
CA GLN A 119 18.95 7.31 -8.07
C GLN A 119 19.05 7.29 -9.59
N GLY A 120 18.00 7.76 -10.25
CA GLY A 120 18.00 7.86 -11.70
C GLY A 120 16.59 7.99 -12.21
N SER A 121 16.47 7.93 -13.53
CA SER A 121 15.24 8.27 -14.23
C SER A 121 14.42 7.05 -14.62
N GLU A 122 14.93 5.84 -14.40
CA GLU A 122 14.25 4.68 -14.94
C GLU A 122 12.99 4.32 -14.17
N ALA A 123 12.98 4.56 -12.86
CA ALA A 123 11.84 4.15 -12.03
C ALA A 123 11.83 4.98 -10.77
N ASP A 124 10.74 4.86 -10.00
CA ASP A 124 10.45 5.81 -8.94
C ASP A 124 10.30 5.17 -7.56
N SER A 125 10.52 6.03 -6.54
CA SER A 125 10.26 5.71 -5.14
C SER A 125 9.28 6.74 -4.61
N VAL A 126 8.31 6.32 -3.79
N VAL A 126 8.33 6.30 -3.80
CA VAL A 126 7.19 7.18 -3.41
CA VAL A 126 7.17 7.11 -3.39
C VAL A 126 6.85 7.01 -1.93
C VAL A 126 6.98 7.02 -1.90
N PHE A 127 6.53 8.13 -1.30
CA PHE A 127 6.02 8.20 0.08
C PHE A 127 4.67 8.91 0.01
N SER A 128 3.65 8.33 0.61
CA SER A 128 2.29 8.90 0.57
C SER A 128 1.66 8.88 1.96
N GLY A 129 0.69 9.75 2.15
CA GLY A 129 -0.09 9.70 3.38
C GLY A 129 -1.40 10.46 3.23
N PHE A 130 -2.37 10.08 4.04
CA PHE A 130 -3.65 10.79 3.95
C PHE A 130 -4.43 10.61 5.26
N LEU A 131 -5.27 11.57 5.57
CA LEU A 131 -6.18 11.47 6.72
C LEU A 131 -7.24 10.42 6.42
N ILE A 132 -7.48 9.55 7.40
CA ILE A 132 -8.61 8.57 7.36
C ILE A 132 -9.82 9.10 8.07
N PHE A 133 -9.63 9.59 9.32
CA PHE A 133 -10.68 10.36 9.94
C PHE A 133 -10.15 11.29 11.00
N PRO A 134 -10.70 12.46 11.12
CA PRO A 134 -10.21 13.41 12.13
C PRO A 134 -10.71 13.05 13.50
N SER A 135 -9.91 13.40 14.50
CA SER A 135 -10.27 13.16 15.88
C SER A 135 -11.36 14.12 16.30
N ALA A 136 -12.16 13.68 17.27
CA ALA A 136 -13.41 14.31 17.72
C ALA A 136 -14.53 13.99 16.74
N LYS A 142 -19.07 9.70 13.70
CA LYS A 142 -18.19 9.14 14.72
C LYS A 142 -18.08 7.58 14.69
N PHE A 143 -18.95 6.88 13.92
CA PHE A 143 -18.89 5.41 13.73
C PHE A 143 -17.76 5.05 12.77
N GLN A 144 -16.59 4.68 13.30
CA GLN A 144 -15.39 4.48 12.47
C GLN A 144 -14.86 3.06 12.65
N SER A 145 -13.86 2.66 11.84
CA SER A 145 -13.18 1.39 12.08
C SER A 145 -11.79 1.48 11.53
N VAL A 146 -10.79 1.18 12.37
N VAL A 146 -10.78 1.23 12.37
CA VAL A 146 -9.40 1.29 11.93
CA VAL A 146 -9.38 1.35 11.96
C VAL A 146 -8.53 0.37 12.77
C VAL A 146 -8.54 0.37 12.78
N PHE A 147 -7.54 -0.24 12.14
CA PHE A 147 -6.56 -1.02 12.88
C PHE A 147 -5.26 -1.11 12.10
N THR A 148 -4.14 -1.16 12.85
CA THR A 148 -2.87 -1.70 12.38
C THR A 148 -2.37 -2.64 13.47
N VAL A 149 -2.10 -3.88 13.04
CA VAL A 149 -1.56 -4.90 13.94
C VAL A 149 -0.31 -5.49 13.34
N THR A 150 0.53 -6.06 14.21
N THR A 150 0.47 -6.12 14.21
CA THR A 150 1.83 -6.54 13.75
CA THR A 150 1.75 -6.66 13.81
C THR A 150 2.18 -7.88 14.39
C THR A 150 1.93 -8.04 14.39
N ARG A 151 2.90 -8.70 13.62
N ARG A 151 2.88 -8.78 13.85
CA ARG A 151 3.43 -9.92 14.19
CA ARG A 151 3.16 -10.12 14.30
C ARG A 151 4.61 -9.60 15.10
C ARG A 151 4.54 -10.07 14.97
N GLN A 152 4.52 -10.03 16.33
CA GLN A 152 5.69 -9.87 17.20
C GLN A 152 6.07 -11.24 17.73
N THR A 153 6.83 -11.98 16.90
CA THR A 153 7.34 -13.30 17.20
C THR A 153 8.35 -13.65 16.11
N HIS A 154 9.28 -14.48 16.46
CA HIS A 154 10.29 -14.91 15.50
C HIS A 154 9.94 -16.26 14.90
N GLN A 155 8.89 -16.88 15.39
CA GLN A 155 8.49 -18.19 14.90
C GLN A 155 7.38 -17.97 13.88
N PRO A 156 7.42 -18.62 12.73
CA PRO A 156 6.45 -18.31 11.68
C PRO A 156 5.14 -19.04 11.93
N PRO A 157 4.09 -18.67 11.22
CA PRO A 157 2.83 -19.43 11.29
C PRO A 157 3.00 -20.87 10.88
N ALA A 158 2.06 -21.69 11.35
CA ALA A 158 1.98 -23.05 10.89
C ALA A 158 1.57 -23.08 9.41
N PRO A 159 2.01 -24.08 8.66
CA PRO A 159 1.60 -24.22 7.27
C PRO A 159 0.08 -24.36 7.19
N ASN A 160 -0.50 -23.73 6.16
CA ASN A 160 -1.94 -23.85 5.92
C ASN A 160 -2.81 -23.41 7.11
N SER A 161 -2.51 -22.23 7.62
CA SER A 161 -3.22 -21.77 8.81
C SER A 161 -3.43 -20.27 8.72
N LEU A 162 -4.35 -19.81 9.57
CA LEU A 162 -4.60 -18.38 9.79
C LEU A 162 -3.37 -17.70 10.41
N ILE A 163 -3.00 -16.53 9.89
CA ILE A 163 -1.87 -15.77 10.43
C ILE A 163 -2.37 -14.89 11.56
N ARG A 164 -1.89 -15.15 12.79
CA ARG A 164 -2.23 -14.28 13.90
C ARG A 164 -1.27 -13.10 14.01
N PHE A 165 -1.83 -11.91 14.12
CA PHE A 165 -1.05 -10.72 14.46
C PHE A 165 -1.32 -10.43 15.93
N ASN A 166 -0.33 -10.67 16.78
CA ASN A 166 -0.56 -10.65 18.23
C ASN A 166 -0.42 -9.27 18.87
N ALA A 167 0.21 -8.31 18.20
CA ALA A 167 0.47 -7.02 18.78
C ALA A 167 -0.27 -5.93 18.05
N VAL A 168 -0.71 -4.93 18.80
CA VAL A 168 -1.55 -3.87 18.27
C VAL A 168 -0.78 -2.58 18.24
N LEU A 169 -0.77 -1.92 17.07
N LEU A 169 -0.79 -1.92 17.08
CA LEU A 169 -0.30 -0.53 17.04
CA LEU A 169 -0.32 -0.54 17.04
C LEU A 169 -1.47 0.43 17.24
C LEU A 169 -1.46 0.44 17.23
N THR A 170 -2.60 0.19 16.58
CA THR A 170 -3.83 0.90 16.88
C THR A 170 -5.01 -0.02 16.59
N ASN A 171 -6.03 0.05 17.40
CA ASN A 171 -7.19 -0.82 17.22
C ASN A 171 -8.32 -0.27 18.09
N PRO A 172 -8.70 0.99 17.93
CA PRO A 172 -9.55 1.64 18.94
C PRO A 172 -10.94 1.04 19.09
N GLN A 173 -11.45 0.32 18.07
CA GLN A 173 -12.80 -0.24 18.12
C GLN A 173 -12.76 -1.71 18.47
N GLY A 174 -11.57 -2.28 18.62
CA GLY A 174 -11.45 -3.68 18.88
C GLY A 174 -11.88 -4.55 17.73
N ASP A 175 -11.91 -4.00 16.52
CA ASP A 175 -12.43 -4.76 15.39
C ASP A 175 -11.49 -5.88 14.94
N TYR A 176 -10.17 -5.74 15.13
CA TYR A 176 -9.28 -6.88 15.00
C TYR A 176 -9.11 -7.53 16.37
N ASP A 177 -9.31 -8.83 16.45
CA ASP A 177 -9.23 -9.55 17.73
C ASP A 177 -7.92 -10.34 17.72
N THR A 178 -6.97 -9.96 18.59
CA THR A 178 -5.66 -10.62 18.58
C THR A 178 -5.69 -12.06 19.10
N SER A 179 -6.73 -12.45 19.84
N SER A 179 -6.75 -12.45 19.78
CA SER A 179 -6.79 -13.84 20.28
CA SER A 179 -6.86 -13.80 20.33
C SER A 179 -7.10 -14.76 19.10
C SER A 179 -7.35 -14.83 19.30
N THR A 180 -8.05 -14.38 18.26
CA THR A 180 -8.51 -15.24 17.18
C THR A 180 -7.80 -14.96 15.87
N GLY A 181 -7.20 -13.81 15.72
CA GLY A 181 -6.60 -13.45 14.46
C GLY A 181 -7.50 -12.88 13.41
N LYS A 182 -8.75 -12.58 13.73
CA LYS A 182 -9.72 -12.14 12.72
C LYS A 182 -10.16 -10.72 12.99
N PHE A 183 -10.42 -10.01 11.90
CA PHE A 183 -11.23 -8.80 11.93
C PHE A 183 -12.71 -9.21 11.81
N THR A 184 -13.58 -8.59 12.60
CA THR A 184 -15.04 -8.78 12.46
C THR A 184 -15.70 -7.42 12.27
N CYS A 185 -16.52 -7.32 11.24
CA CYS A 185 -17.15 -6.05 10.91
C CYS A 185 -18.21 -5.68 11.94
N LYS A 186 -18.08 -4.49 12.53
CA LYS A 186 -19.15 -3.87 13.32
C LYS A 186 -19.95 -2.86 12.51
N VAL A 187 -19.26 -2.02 11.74
CA VAL A 187 -19.86 -0.94 10.97
C VAL A 187 -19.86 -1.34 9.51
N PRO A 188 -21.01 -1.57 8.90
CA PRO A 188 -21.00 -2.10 7.53
C PRO A 188 -20.61 -1.01 6.53
N GLY A 189 -19.88 -1.37 5.51
CA GLY A 189 -19.49 -0.41 4.49
C GLY A 189 -18.24 -0.88 3.75
N LEU A 190 -17.60 0.06 3.05
CA LEU A 190 -16.45 -0.23 2.19
C LEU A 190 -15.16 -0.06 2.99
N TYR A 191 -14.33 -1.08 3.04
CA TYR A 191 -13.08 -1.15 3.76
C TYR A 191 -11.90 -1.29 2.81
N TYR A 192 -10.74 -0.75 3.20
CA TYR A 192 -9.47 -1.10 2.59
C TYR A 192 -8.72 -2.00 3.56
N PHE A 193 -8.13 -3.09 3.04
CA PHE A 193 -7.28 -4.00 3.80
C PHE A 193 -5.97 -4.10 3.08
N VAL A 194 -4.87 -4.04 3.83
CA VAL A 194 -3.54 -4.07 3.21
C VAL A 194 -2.53 -4.69 4.19
N TYR A 195 -1.54 -5.38 3.66
CA TYR A 195 -0.52 -5.98 4.50
C TYR A 195 0.87 -5.86 3.87
N HIS A 196 1.91 -5.87 4.72
CA HIS A 196 3.33 -5.91 4.29
C HIS A 196 4.00 -6.90 5.20
N ALA A 197 4.41 -8.06 4.65
CA ALA A 197 4.93 -9.11 5.51
C ALA A 197 6.36 -9.42 5.11
N SER A 198 7.26 -9.45 6.09
CA SER A 198 8.66 -9.72 5.83
C SER A 198 8.93 -11.22 5.88
N HIS A 199 9.82 -11.70 5.00
CA HIS A 199 10.09 -13.13 4.94
C HIS A 199 11.49 -13.38 4.40
N THR A 200 12.04 -14.54 4.77
CA THR A 200 13.38 -14.95 4.34
C THR A 200 13.35 -16.36 3.74
N ALA A 201 12.15 -16.89 3.53
CA ALA A 201 11.88 -18.07 2.71
C ALA A 201 10.56 -17.83 2.00
N ASN A 202 10.11 -18.80 1.20
CA ASN A 202 8.89 -18.55 0.41
C ASN A 202 7.69 -18.26 1.31
N LEU A 203 6.88 -17.31 0.88
CA LEU A 203 5.67 -16.92 1.61
C LEU A 203 4.58 -16.58 0.65
N CYS A 204 3.42 -17.24 0.79
CA CYS A 204 2.18 -16.81 0.16
C CYS A 204 1.21 -16.37 1.25
N VAL A 205 0.59 -15.23 1.03
CA VAL A 205 -0.42 -14.71 1.95
C VAL A 205 -1.74 -14.72 1.20
N LEU A 206 -2.76 -15.26 1.84
CA LEU A 206 -4.12 -15.35 1.32
C LEU A 206 -5.00 -14.47 2.20
N LEU A 207 -5.85 -13.68 1.58
CA LEU A 207 -6.82 -12.90 2.33
C LEU A 207 -8.18 -13.56 2.15
N TYR A 208 -8.84 -13.80 3.27
CA TYR A 208 -10.14 -14.49 3.32
C TYR A 208 -11.21 -13.51 3.78
N ARG A 209 -12.41 -13.64 3.22
CA ARG A 209 -13.61 -12.90 3.61
C ARG A 209 -14.69 -13.94 3.84
N SER A 210 -15.18 -14.03 5.09
CA SER A 210 -16.31 -14.91 5.40
C SER A 210 -16.11 -16.32 4.84
N GLY A 211 -14.90 -16.84 4.95
CA GLY A 211 -14.62 -18.20 4.56
C GLY A 211 -14.23 -18.42 3.13
N VAL A 212 -14.16 -17.38 2.30
CA VAL A 212 -13.81 -17.50 0.89
C VAL A 212 -12.53 -16.75 0.61
N LYS A 213 -11.61 -17.36 -0.10
CA LYS A 213 -10.36 -16.75 -0.46
C LYS A 213 -10.62 -15.67 -1.50
N VAL A 214 -10.11 -14.48 -1.23
CA VAL A 214 -10.32 -13.33 -2.09
C VAL A 214 -9.13 -13.14 -3.02
N VAL A 215 -7.93 -12.97 -2.46
CA VAL A 215 -6.70 -12.77 -3.23
C VAL A 215 -5.56 -13.50 -2.54
N THR A 216 -4.53 -13.81 -3.33
CA THR A 216 -3.30 -14.45 -2.85
C THR A 216 -2.12 -13.78 -3.52
N PHE A 217 -1.06 -13.51 -2.74
CA PHE A 217 0.18 -12.99 -3.31
C PHE A 217 1.36 -13.74 -2.71
N CYS A 218 2.31 -14.07 -3.58
N CYS A 218 2.30 -14.08 -3.58
CA CYS A 218 3.43 -14.90 -3.15
CA CYS A 218 3.42 -14.94 -3.20
C CYS A 218 4.74 -14.21 -3.49
C CYS A 218 4.75 -14.30 -3.56
N GLY A 219 5.71 -14.51 -2.68
CA GLY A 219 7.06 -14.06 -2.96
C GLY A 219 8.04 -15.14 -2.59
N HIS A 220 8.99 -15.43 -3.46
CA HIS A 220 9.98 -16.47 -3.18
C HIS A 220 11.34 -15.83 -2.89
N THR A 221 12.02 -16.36 -1.88
CA THR A 221 13.35 -15.92 -1.56
C THR A 221 14.07 -17.05 -0.88
N SER A 222 15.39 -16.97 -0.91
CA SER A 222 16.22 -17.92 -0.17
C SER A 222 17.20 -17.07 0.61
N LYS A 223 17.09 -17.14 1.93
CA LYS A 223 18.02 -16.57 2.87
C LYS A 223 17.81 -15.07 3.03
N THR A 224 17.77 -14.31 1.91
CA THR A 224 17.70 -12.85 2.04
C THR A 224 16.24 -12.41 2.24
N ASN A 225 16.04 -11.19 2.70
CA ASN A 225 14.76 -10.71 3.21
C ASN A 225 14.05 -9.88 2.15
N GLN A 226 12.74 -10.05 2.06
N GLN A 226 12.75 -10.14 1.99
CA GLN A 226 11.97 -9.17 1.20
CA GLN A 226 11.91 -9.33 1.12
C GLN A 226 10.60 -9.03 1.81
C GLN A 226 10.58 -9.08 1.78
N VAL A 227 9.76 -8.22 1.19
CA VAL A 227 8.45 -7.89 1.73
C VAL A 227 7.39 -8.29 0.74
N ASN A 228 6.48 -9.16 1.17
CA ASN A 228 5.30 -9.56 0.41
C ASN A 228 4.19 -8.59 0.80
N SER A 229 3.60 -7.92 -0.19
N SER A 229 3.58 -7.91 -0.18
CA SER A 229 2.48 -7.03 0.05
CA SER A 229 2.51 -6.97 0.11
C SER A 229 1.23 -7.48 -0.70
C SER A 229 1.28 -7.26 -0.75
N GLY A 230 0.09 -7.07 -0.17
CA GLY A 230 -1.17 -7.29 -0.87
C GLY A 230 -2.25 -6.46 -0.26
N GLY A 231 -3.39 -6.35 -0.94
CA GLY A 231 -4.47 -5.51 -0.42
C GLY A 231 -5.65 -5.47 -1.37
N VAL A 232 -6.78 -5.03 -0.82
CA VAL A 232 -8.03 -5.07 -1.59
C VAL A 232 -9.07 -4.22 -0.87
N LEU A 233 -10.06 -3.76 -1.63
CA LEU A 233 -11.19 -3.00 -1.11
C LEU A 233 -12.39 -3.93 -1.10
N LEU A 234 -13.10 -4.01 0.03
CA LEU A 234 -14.25 -4.92 0.14
C LEU A 234 -15.39 -4.22 0.86
N ARG A 235 -16.60 -4.38 0.34
CA ARG A 235 -17.79 -3.86 1.00
C ARG A 235 -18.39 -4.95 1.85
N LEU A 236 -18.31 -4.79 3.17
CA LEU A 236 -18.63 -5.80 4.18
C LEU A 236 -19.92 -5.48 4.90
N GLN A 237 -20.63 -6.53 5.31
CA GLN A 237 -21.80 -6.43 6.17
C GLN A 237 -21.45 -6.81 7.61
N VAL A 238 -22.35 -6.41 8.52
CA VAL A 238 -22.13 -6.67 9.94
C VAL A 238 -21.88 -8.15 10.18
N GLY A 239 -20.84 -8.44 10.95
CA GLY A 239 -20.50 -9.76 11.37
C GLY A 239 -19.58 -10.49 10.44
N GLU A 240 -19.31 -9.93 9.25
CA GLU A 240 -18.39 -10.60 8.35
C GLU A 240 -16.97 -10.57 8.90
N GLU A 241 -16.25 -11.66 8.66
CA GLU A 241 -14.88 -11.84 9.12
C GLU A 241 -13.90 -11.68 7.97
N VAL A 242 -12.74 -11.08 8.25
CA VAL A 242 -11.64 -11.01 7.30
C VAL A 242 -10.38 -11.43 8.03
N TRP A 243 -9.53 -12.20 7.37
CA TRP A 243 -8.25 -12.58 7.98
C TRP A 243 -7.25 -12.93 6.91
N LEU A 244 -5.98 -13.02 7.32
CA LEU A 244 -4.93 -13.51 6.44
C LEU A 244 -4.54 -14.91 6.84
N ALA A 245 -4.07 -15.69 5.84
CA ALA A 245 -3.63 -17.06 6.05
C ALA A 245 -2.42 -17.34 5.17
N VAL A 246 -1.74 -18.45 5.46
CA VAL A 246 -0.63 -18.91 4.63
C VAL A 246 -1.00 -20.27 4.08
N ASN A 247 -0.32 -20.68 3.00
CA ASN A 247 -0.50 -22.02 2.45
C ASN A 247 0.74 -22.86 2.76
N ASP A 248 1.26 -23.68 1.83
CA ASP A 248 2.50 -24.39 2.19
C ASP A 248 3.70 -23.46 2.28
N TYR A 249 3.60 -22.29 1.69
CA TYR A 249 4.68 -21.29 1.80
C TYR A 249 4.37 -20.30 2.91
N TYR A 250 4.95 -20.54 4.08
CA TYR A 250 4.44 -19.93 5.31
C TYR A 250 5.47 -19.04 6.00
N ASP A 251 6.64 -18.81 5.41
CA ASP A 251 7.70 -18.08 6.14
C ASP A 251 7.35 -16.61 6.44
N MET A 252 7.37 -16.23 7.71
CA MET A 252 7.31 -14.82 8.10
C MET A 252 8.49 -14.45 8.98
N VAL A 253 9.66 -15.00 8.73
CA VAL A 253 10.85 -14.75 9.56
C VAL A 253 11.59 -13.58 8.90
N GLY A 254 11.36 -12.39 9.41
CA GLY A 254 12.12 -11.24 8.93
C GLY A 254 13.45 -11.18 9.63
N ILE A 255 14.42 -10.60 8.91
CA ILE A 255 15.66 -10.19 9.56
C ILE A 255 15.37 -9.09 10.57
N GLN A 256 16.36 -8.85 11.42
CA GLN A 256 16.32 -7.76 12.38
C GLN A 256 16.02 -6.46 11.65
N GLY A 257 14.98 -5.77 12.09
CA GLY A 257 14.59 -4.55 11.43
C GLY A 257 13.56 -4.70 10.32
N SER A 258 13.06 -5.90 10.04
CA SER A 258 12.02 -6.06 9.03
C SER A 258 10.84 -6.77 9.65
N ASP A 259 9.68 -6.11 9.66
CA ASP A 259 8.50 -6.56 10.40
C ASP A 259 7.34 -6.94 9.49
N SER A 260 6.23 -7.32 10.09
CA SER A 260 5.03 -7.69 9.33
C SER A 260 3.86 -6.98 9.93
N VAL A 261 3.04 -6.35 9.08
CA VAL A 261 1.93 -5.50 9.50
C VAL A 261 0.70 -5.86 8.67
N PHE A 262 -0.49 -5.66 9.25
CA PHE A 262 -1.77 -5.80 8.58
C PHE A 262 -2.60 -4.63 9.08
N SER A 263 -3.18 -3.86 8.14
CA SER A 263 -4.05 -2.73 8.47
C SER A 263 -5.37 -2.85 7.74
N GLY A 264 -6.37 -2.19 8.31
CA GLY A 264 -7.64 -2.06 7.63
C GLY A 264 -8.37 -0.85 8.15
N PHE A 265 -9.23 -0.28 7.30
CA PHE A 265 -10.00 0.86 7.78
C PHE A 265 -11.27 1.01 6.94
N LEU A 266 -12.30 1.45 7.62
CA LEU A 266 -13.53 1.82 6.93
C LEU A 266 -13.35 3.12 6.17
N LEU A 267 -13.67 3.13 4.87
CA LEU A 267 -13.72 4.34 4.05
C LEU A 267 -15.12 4.92 3.90
N PHE A 268 -16.12 4.10 3.58
CA PHE A 268 -17.46 4.57 3.25
C PHE A 268 -18.47 3.76 4.04
N PRO A 269 -19.02 4.30 5.13
CA PRO A 269 -20.07 3.55 5.83
C PRO A 269 -21.32 3.46 4.94
N ASP A 270 -21.97 2.31 4.94
N ASP A 270 -21.92 2.28 4.94
CA ASP A 270 -23.21 2.23 4.18
CA ASP A 270 -23.25 2.16 4.34
C ASP A 270 -24.34 2.91 4.93
C ASP A 270 -24.21 3.12 5.03
N GLY A 271 -25.07 3.77 4.23
CA GLY A 271 -26.09 4.63 4.81
C GLY A 271 -25.60 5.93 5.41
N SER A 272 -24.44 6.44 5.00
CA SER A 272 -24.00 7.73 5.48
C SER A 272 -24.12 8.85 4.44
N ALA A 273 -24.81 8.60 3.32
CA ALA A 273 -25.32 9.67 2.44
C ALA A 273 -24.33 10.23 1.43
N LYS A 274 -24.87 10.80 0.35
CA LYS A 274 -24.13 11.10 -0.86
C LYS A 274 -23.52 9.82 -1.43
N ALA A 275 -24.42 8.88 -1.72
CA ALA A 275 -24.03 7.56 -2.18
C ALA A 275 -23.25 7.63 -3.48
N THR A 276 -23.51 8.63 -4.31
CA THR A 276 -22.76 8.77 -5.56
C THR A 276 -21.30 9.10 -5.33
N GLN A 277 -20.93 9.54 -4.13
CA GLN A 277 -19.56 9.88 -3.80
C GLN A 277 -18.78 8.70 -3.24
N LYS A 278 -19.42 7.58 -2.95
CA LYS A 278 -18.71 6.42 -2.46
C LYS A 278 -18.10 5.70 -3.65
N ILE A 279 -16.90 6.12 -4.02
CA ILE A 279 -16.22 5.65 -5.23
C ILE A 279 -15.02 4.80 -4.85
N ALA A 280 -15.01 3.54 -5.24
CA ALA A 280 -13.95 2.62 -4.89
C ALA A 280 -14.00 1.44 -5.86
N PHE A 281 -12.85 0.98 -6.33
CA PHE A 281 -12.79 -0.21 -7.17
C PHE A 281 -11.58 -1.04 -6.79
N SER A 282 -11.73 -2.35 -6.97
CA SER A 282 -10.63 -3.32 -6.92
C SER A 282 -10.89 -4.31 -8.01
N ALA A 283 -9.93 -4.51 -8.89
CA ALA A 283 -10.10 -5.46 -10.01
C ALA A 283 -8.82 -6.28 -10.15
N THR A 284 -8.97 -7.57 -10.45
CA THR A 284 -7.80 -8.40 -10.69
C THR A 284 -7.70 -8.71 -12.17
N ARG A 285 -6.48 -9.07 -12.58
CA ARG A 285 -6.21 -9.49 -13.97
C ARG A 285 -6.15 -11.00 -14.06
N THR A 286 -7.00 -11.58 -14.92
CA THR A 286 -6.97 -13.01 -15.12
C THR A 286 -6.48 -13.41 -16.51
N ILE A 287 -6.02 -12.44 -17.32
CA ILE A 287 -5.50 -12.64 -18.67
C ILE A 287 -3.98 -12.72 -18.60
N ASN A 288 -3.38 -13.61 -19.37
CA ASN A 288 -1.93 -13.79 -19.39
C ASN A 288 -1.38 -13.82 -20.80
N VAL A 289 -2.04 -13.10 -21.70
CA VAL A 289 -1.47 -12.78 -23.00
C VAL A 289 -0.29 -11.83 -22.80
N PRO A 290 0.80 -11.98 -23.53
CA PRO A 290 1.93 -11.05 -23.37
C PRO A 290 1.52 -9.61 -23.68
N LEU A 291 1.86 -8.73 -22.74
CA LEU A 291 1.63 -7.30 -22.90
C LEU A 291 2.67 -6.71 -23.84
N ARG A 292 2.24 -5.79 -24.68
CA ARG A 292 3.27 -5.09 -25.42
C ARG A 292 3.49 -3.70 -24.81
N ARG A 293 4.61 -3.09 -25.19
CA ARG A 293 4.96 -1.77 -24.69
C ARG A 293 3.87 -0.78 -25.07
N ASP A 294 3.50 0.06 -24.11
CA ASP A 294 2.48 1.10 -24.19
C ASP A 294 1.06 0.57 -24.17
N GLN A 295 0.84 -0.71 -23.97
CA GLN A 295 -0.52 -1.23 -23.88
C GLN A 295 -1.12 -0.96 -22.49
N THR A 296 -2.36 -0.48 -22.44
CA THR A 296 -3.08 -0.39 -21.18
C THR A 296 -3.29 -1.77 -20.60
N ILE A 297 -3.00 -1.93 -19.32
CA ILE A 297 -3.10 -3.21 -18.64
C ILE A 297 -4.53 -3.36 -18.12
N ARG A 298 -5.27 -4.31 -18.66
CA ARG A 298 -6.65 -4.53 -18.26
C ARG A 298 -6.71 -5.43 -17.04
N PHE A 299 -7.46 -4.99 -16.04
CA PHE A 299 -7.78 -5.80 -14.87
C PHE A 299 -9.26 -6.15 -15.07
N ASP A 300 -9.50 -7.35 -15.60
CA ASP A 300 -10.78 -7.74 -16.16
C ASP A 300 -11.80 -8.19 -15.11
N HIS A 301 -11.38 -8.63 -13.93
CA HIS A 301 -12.29 -9.25 -12.97
C HIS A 301 -12.56 -8.28 -11.83
N VAL A 302 -13.79 -7.86 -11.69
CA VAL A 302 -14.12 -6.83 -10.69
C VAL A 302 -14.44 -7.50 -9.36
N ILE A 303 -13.72 -7.11 -8.32
CA ILE A 303 -14.14 -7.47 -6.98
C ILE A 303 -15.07 -6.41 -6.40
N THR A 304 -14.70 -5.14 -6.55
CA THR A 304 -15.47 -4.00 -6.07
C THR A 304 -15.46 -2.93 -7.16
N ASN A 305 -16.60 -2.26 -7.37
CA ASN A 305 -16.69 -1.15 -8.31
C ASN A 305 -17.85 -0.25 -7.94
N MET A 306 -17.80 0.34 -6.73
CA MET A 306 -18.82 1.25 -6.26
C MET A 306 -18.83 2.54 -7.09
N ASN A 307 -19.98 2.83 -7.68
CA ASN A 307 -20.27 3.94 -8.57
C ASN A 307 -19.71 3.78 -9.99
N ASN A 308 -19.20 2.59 -10.31
CA ASN A 308 -18.94 2.19 -11.69
C ASN A 308 -18.09 3.20 -12.43
N ASN A 309 -17.03 3.66 -11.78
CA ASN A 309 -16.09 4.53 -12.43
C ASN A 309 -14.89 3.82 -13.00
N TYR A 310 -14.71 2.54 -12.66
CA TYR A 310 -13.71 1.71 -13.28
C TYR A 310 -14.35 0.89 -14.39
N GLU A 311 -13.65 0.80 -15.53
CA GLU A 311 -14.16 0.08 -16.70
C GLU A 311 -13.30 -1.15 -16.90
N PRO A 312 -13.76 -2.35 -16.50
CA PRO A 312 -12.92 -3.54 -16.66
C PRO A 312 -12.65 -3.95 -18.10
N ARG A 313 -13.41 -3.42 -19.06
CA ARG A 313 -13.12 -3.75 -20.46
C ARG A 313 -11.88 -3.04 -20.95
N SER A 314 -11.53 -1.90 -20.35
CA SER A 314 -10.37 -1.15 -20.78
C SER A 314 -9.24 -1.21 -19.80
N GLY A 315 -9.52 -1.38 -18.50
CA GLY A 315 -8.52 -1.19 -17.48
C GLY A 315 -8.40 0.22 -16.97
N LYS A 316 -9.25 1.14 -17.42
CA LYS A 316 -9.13 2.54 -17.02
C LYS A 316 -10.17 2.92 -15.96
N PHE A 317 -9.74 3.69 -14.97
CA PHE A 317 -10.64 4.43 -14.10
C PHE A 317 -10.87 5.80 -14.74
N THR A 318 -12.12 6.27 -14.73
CA THR A 318 -12.46 7.61 -15.23
C THR A 318 -13.16 8.40 -14.14
N CYS A 319 -12.60 9.56 -13.80
CA CYS A 319 -13.13 10.36 -12.72
C CYS A 319 -14.48 10.97 -13.10
N LYS A 320 -15.46 10.76 -12.22
CA LYS A 320 -16.69 11.54 -12.23
C LYS A 320 -16.74 12.61 -11.16
N VAL A 321 -16.38 12.28 -9.92
CA VAL A 321 -16.35 13.23 -8.81
C VAL A 321 -14.92 13.76 -8.71
N PRO A 322 -14.68 15.06 -8.96
CA PRO A 322 -13.32 15.57 -8.85
C PRO A 322 -12.85 15.52 -7.41
N GLY A 323 -11.57 15.35 -7.21
CA GLY A 323 -11.08 15.22 -5.86
C GLY A 323 -9.81 14.42 -5.78
N LEU A 324 -9.46 14.10 -4.54
CA LEU A 324 -8.26 13.34 -4.25
C LEU A 324 -8.59 11.86 -4.14
N TYR A 325 -7.78 11.06 -4.82
CA TYR A 325 -7.94 9.61 -4.87
C TYR A 325 -6.62 8.94 -4.48
N TYR A 326 -6.69 7.76 -3.89
CA TYR A 326 -5.50 6.93 -3.72
C TYR A 326 -5.60 5.74 -4.65
N PHE A 327 -4.57 5.51 -5.47
CA PHE A 327 -4.51 4.37 -6.36
C PHE A 327 -3.38 3.46 -5.92
N THR A 328 -3.57 2.15 -6.10
CA THR A 328 -2.58 1.23 -5.61
C THR A 328 -2.70 -0.05 -6.43
N TYR A 329 -1.63 -0.83 -6.47
CA TYR A 329 -1.68 -2.13 -7.17
C TYR A 329 -0.68 -3.07 -6.51
N HIS A 330 -0.91 -4.36 -6.70
CA HIS A 330 0.03 -5.40 -6.32
C HIS A 330 0.10 -6.33 -7.49
N ALA A 331 1.30 -6.60 -7.98
CA ALA A 331 1.43 -7.41 -9.16
C ALA A 331 2.33 -8.59 -8.89
N SER A 332 1.83 -9.79 -9.18
CA SER A 332 2.62 -11.02 -9.20
C SER A 332 3.38 -11.09 -10.50
N SER A 333 4.53 -11.76 -10.46
CA SER A 333 5.46 -11.73 -11.58
C SER A 333 6.53 -12.77 -11.39
N ARG A 334 7.08 -13.22 -12.51
CA ARG A 334 8.18 -14.18 -12.53
C ARG A 334 9.36 -13.63 -13.29
N GLY A 335 9.44 -12.33 -13.44
CA GLY A 335 10.54 -11.77 -14.19
C GLY A 335 10.52 -10.27 -14.03
N ASN A 336 11.17 -9.58 -14.92
CA ASN A 336 11.31 -8.13 -14.77
C ASN A 336 10.02 -7.43 -15.16
N LEU A 337 9.56 -6.50 -14.32
CA LEU A 337 8.30 -5.82 -14.56
C LEU A 337 8.48 -4.34 -14.29
N CYS A 338 8.16 -3.47 -15.28
CA CYS A 338 7.99 -2.04 -15.04
C CYS A 338 6.61 -1.65 -15.54
N VAL A 339 5.89 -0.85 -14.76
CA VAL A 339 4.58 -0.35 -15.17
C VAL A 339 4.60 1.16 -15.01
N ASN A 340 3.94 1.85 -15.95
CA ASN A 340 3.73 3.30 -15.87
C ASN A 340 2.36 3.59 -15.28
N LEU A 341 2.29 4.47 -14.28
CA LEU A 341 1.01 4.95 -13.78
C LEU A 341 0.66 6.18 -14.60
N MET A 342 -0.49 6.12 -15.26
N MET A 342 -0.47 6.12 -15.30
CA MET A 342 -0.93 7.13 -16.20
CA MET A 342 -0.87 7.14 -16.27
C MET A 342 -2.01 8.00 -15.55
C MET A 342 -2.06 7.92 -15.75
N ARG A 343 -2.08 9.23 -16.03
CA ARG A 343 -3.20 10.12 -15.73
C ARG A 343 -3.38 11.06 -16.92
N GLY A 344 -4.61 11.22 -17.37
CA GLY A 344 -4.87 12.21 -18.39
C GLY A 344 -6.24 11.97 -18.99
N ARG A 345 -6.45 12.61 -20.13
CA ARG A 345 -7.73 12.40 -20.81
C ARG A 345 -7.56 11.53 -22.05
N GLU A 346 -7.90 12.08 -23.22
CA GLU A 346 -7.63 11.43 -24.50
C GLU A 346 -6.23 10.85 -24.53
N ARG A 347 -5.22 11.71 -24.40
CA ARG A 347 -3.84 11.28 -24.28
C ARG A 347 -3.48 11.39 -22.80
N ALA A 348 -2.93 10.33 -22.26
CA ALA A 348 -2.52 10.40 -20.87
C ALA A 348 -1.02 10.60 -20.76
N GLN A 349 -0.59 11.06 -19.58
CA GLN A 349 0.80 11.28 -19.30
C GLN A 349 1.23 10.41 -18.14
N LYS A 350 2.51 10.02 -18.14
CA LYS A 350 3.03 9.21 -17.06
C LYS A 350 3.27 10.05 -15.82
N VAL A 351 2.78 9.55 -14.69
CA VAL A 351 3.08 10.16 -13.40
C VAL A 351 4.37 9.60 -12.83
N VAL A 352 4.46 8.27 -12.75
CA VAL A 352 5.66 7.57 -12.31
C VAL A 352 5.77 6.24 -13.06
N THR A 353 6.96 5.66 -13.01
CA THR A 353 7.23 4.28 -13.41
C THR A 353 7.66 3.49 -12.17
N PHE A 354 7.06 2.32 -11.94
CA PHE A 354 7.53 1.42 -10.90
C PHE A 354 8.16 0.21 -11.55
N CYS A 355 9.38 -0.10 -11.15
CA CYS A 355 10.09 -1.27 -11.67
C CYS A 355 10.43 -2.19 -10.53
N ASP A 356 10.35 -3.50 -10.77
CA ASP A 356 10.74 -4.46 -9.76
C ASP A 356 11.18 -5.72 -10.48
N TYR A 357 12.42 -6.11 -10.30
CA TYR A 357 13.04 -7.14 -11.12
C TYR A 357 13.08 -8.44 -10.33
N ALA A 358 13.19 -9.54 -11.07
CA ALA A 358 13.16 -10.85 -10.46
C ALA A 358 13.90 -11.78 -11.39
N TYR A 359 14.83 -12.54 -10.83
CA TYR A 359 15.58 -13.48 -11.64
C TYR A 359 15.27 -14.89 -11.16
N ASN A 360 14.71 -15.70 -12.07
CA ASN A 360 14.45 -17.11 -11.86
C ASN A 360 13.73 -17.33 -10.53
N THR A 361 12.63 -16.59 -10.33
CA THR A 361 11.89 -16.62 -9.06
C THR A 361 10.49 -16.12 -9.30
N PHE A 362 9.70 -16.02 -8.20
CA PHE A 362 8.37 -15.44 -8.19
C PHE A 362 8.40 -14.25 -7.23
N GLN A 363 7.76 -13.16 -7.60
CA GLN A 363 7.75 -11.96 -6.79
C GLN A 363 6.35 -11.36 -6.75
N VAL A 364 6.16 -10.47 -5.77
CA VAL A 364 5.00 -9.60 -5.74
C VAL A 364 5.51 -8.20 -5.49
N THR A 365 5.11 -7.27 -6.34
CA THR A 365 5.54 -5.89 -6.18
C THR A 365 4.31 -5.00 -6.02
N THR A 366 4.54 -3.74 -5.63
CA THR A 366 3.44 -2.85 -5.35
C THR A 366 3.86 -1.43 -5.64
N GLY A 367 2.86 -0.60 -5.88
CA GLY A 367 3.09 0.83 -5.98
C GLY A 367 1.77 1.50 -5.62
N GLY A 368 1.86 2.77 -5.25
CA GLY A 368 0.64 3.53 -4.97
C GLY A 368 0.90 5.01 -5.15
N MET A 369 -0.17 5.77 -5.27
CA MET A 369 -0.04 7.21 -5.42
C MET A 369 -1.36 7.89 -5.09
N VAL A 370 -1.26 9.02 -4.41
CA VAL A 370 -2.38 9.95 -4.24
C VAL A 370 -2.36 10.90 -5.42
N LEU A 371 -3.50 11.03 -6.10
CA LEU A 371 -3.66 11.93 -7.24
C LEU A 371 -4.91 12.78 -7.09
N LYS A 372 -4.79 14.05 -7.42
CA LYS A 372 -5.94 14.92 -7.59
C LYS A 372 -6.43 14.75 -9.01
N LEU A 373 -7.72 14.55 -9.18
CA LEU A 373 -8.27 14.33 -10.50
C LEU A 373 -9.36 15.35 -10.79
N GLU A 374 -9.47 15.74 -12.06
CA GLU A 374 -10.63 16.51 -12.52
C GLU A 374 -11.60 15.56 -13.22
N GLN A 375 -12.85 15.99 -13.31
CA GLN A 375 -13.88 15.17 -13.93
C GLN A 375 -13.49 14.86 -15.36
N GLY A 376 -13.59 13.60 -15.74
CA GLY A 376 -13.22 13.16 -17.06
C GLY A 376 -11.81 12.62 -17.21
N GLU A 377 -10.90 12.89 -16.26
CA GLU A 377 -9.55 12.35 -16.37
C GLU A 377 -9.54 10.86 -16.09
N ASN A 378 -8.65 10.15 -16.78
CA ASN A 378 -8.43 8.70 -16.66
C ASN A 378 -7.17 8.44 -15.86
N VAL A 379 -7.17 7.32 -15.15
CA VAL A 379 -5.99 6.78 -14.47
C VAL A 379 -5.93 5.29 -14.78
N PHE A 380 -4.74 4.80 -15.10
CA PHE A 380 -4.60 3.41 -15.52
C PHE A 380 -3.13 3.05 -15.47
N LEU A 381 -2.89 1.75 -15.54
CA LEU A 381 -1.53 1.23 -15.62
C LEU A 381 -1.21 0.83 -17.04
N GLN A 382 0.03 1.13 -17.46
CA GLN A 382 0.49 0.96 -18.83
C GLN A 382 1.73 0.08 -18.86
N ALA A 383 1.75 -0.90 -19.77
CA ALA A 383 2.85 -1.85 -19.83
C ALA A 383 4.06 -1.24 -20.52
N THR A 384 5.23 -1.81 -20.21
CA THR A 384 6.51 -1.43 -20.84
C THR A 384 7.13 -2.69 -21.47
N ASP A 385 8.39 -2.55 -21.91
CA ASP A 385 9.17 -3.68 -22.44
C ASP A 385 9.41 -4.75 -21.38
N LYS A 386 9.45 -4.36 -20.11
CA LYS A 386 9.61 -5.29 -18.98
C LYS A 386 8.20 -5.66 -18.57
N ASN A 387 7.71 -6.79 -19.11
CA ASN A 387 6.30 -7.11 -19.13
C ASN A 387 5.94 -8.42 -18.42
N SER A 388 6.83 -8.93 -17.57
N SER A 388 6.78 -8.89 -17.50
CA SER A 388 6.47 -10.14 -16.81
CA SER A 388 6.51 -10.13 -16.78
C SER A 388 5.45 -9.82 -15.73
C SER A 388 5.46 -9.85 -15.70
N LEU A 389 4.18 -10.02 -16.04
CA LEU A 389 3.09 -9.80 -15.11
C LEU A 389 2.22 -11.04 -15.11
N LEU A 390 1.95 -11.60 -13.93
N LEU A 390 1.90 -11.55 -13.94
CA LEU A 390 1.21 -12.84 -13.77
CA LEU A 390 1.21 -12.83 -13.79
C LEU A 390 -0.13 -12.52 -13.12
C LEU A 390 -0.10 -12.58 -13.07
N GLY A 391 -1.19 -13.19 -13.56
CA GLY A 391 -2.51 -13.00 -12.98
C GLY A 391 -3.33 -14.28 -12.93
N MET A 392 -3.49 -14.83 -11.74
CA MET A 392 -4.06 -16.16 -11.64
C MET A 392 -4.44 -16.41 -10.19
N GLU A 393 -5.32 -17.37 -9.97
CA GLU A 393 -5.59 -17.81 -8.61
C GLU A 393 -4.28 -18.27 -7.97
N GLY A 394 -4.06 -17.86 -6.73
CA GLY A 394 -2.80 -18.22 -6.07
C GLY A 394 -1.58 -17.41 -6.47
N ALA A 395 -1.70 -16.46 -7.40
CA ALA A 395 -0.70 -15.44 -7.66
C ALA A 395 -1.39 -14.31 -8.41
N ASN A 396 -2.11 -13.48 -7.67
N ASN A 396 -2.06 -13.45 -7.68
CA ASN A 396 -3.01 -12.46 -8.20
CA ASN A 396 -2.92 -12.47 -8.31
C ASN A 396 -2.25 -11.18 -8.59
C ASN A 396 -2.19 -11.20 -8.68
N SER A 397 -2.84 -10.44 -9.55
CA SER A 397 -2.47 -9.04 -9.77
C SER A 397 -3.74 -8.23 -9.65
N ILE A 398 -3.66 -7.14 -8.87
CA ILE A 398 -4.83 -6.34 -8.52
C ILE A 398 -4.53 -4.84 -8.68
N PHE A 399 -5.53 -4.08 -9.12
CA PHE A 399 -5.45 -2.62 -9.21
C PHE A 399 -6.68 -2.07 -8.50
N SER A 400 -6.46 -1.08 -7.64
CA SER A 400 -7.49 -0.51 -6.76
C SER A 400 -7.37 0.99 -6.70
N GLY A 401 -8.48 1.62 -6.36
CA GLY A 401 -8.50 3.06 -6.14
C GLY A 401 -9.72 3.48 -5.37
N PHE A 402 -9.61 4.60 -4.65
CA PHE A 402 -10.74 5.11 -3.87
C PHE A 402 -10.65 6.63 -3.66
N LEU A 403 -11.82 7.25 -3.60
N LEU A 403 -11.81 7.27 -3.64
CA LEU A 403 -11.93 8.67 -3.30
CA LEU A 403 -11.92 8.68 -3.31
C LEU A 403 -11.66 8.90 -1.83
C LEU A 403 -11.62 8.88 -1.83
N LEU A 404 -10.77 9.86 -1.53
CA LEU A 404 -10.34 10.06 -0.14
C LEU A 404 -11.37 10.81 0.72
N PHE A 405 -11.99 11.82 0.20
CA PHE A 405 -12.75 12.77 1.04
C PHE A 405 -14.16 12.97 0.52
N PRO A 406 -15.03 11.93 0.56
CA PRO A 406 -16.44 12.15 0.22
C PRO A 406 -17.12 13.13 1.16
N ASP A 407 -18.15 13.82 0.67
CA ASP A 407 -18.84 14.81 1.50
C ASP A 407 -19.40 14.20 2.79
N MET A 408 -19.26 14.94 3.89
CA MET A 408 -19.73 14.52 5.21
C MET A 408 -21.25 14.37 5.27
C1 NAG B . 9.76 21.44 -4.16
C2 NAG B . 9.51 22.72 -4.99
C3 NAG B . 10.75 23.04 -5.85
C4 NAG B . 12.05 22.94 -5.05
C5 NAG B . 12.10 21.64 -4.27
C6 NAG B . 13.31 21.51 -3.36
C7 NAG B . 7.18 23.21 -5.64
C8 NAG B . 6.11 22.99 -6.68
N2 NAG B . 8.35 22.60 -5.86
O1 NAG B . 8.63 21.47 -3.36
O3 NAG B . 10.64 24.34 -6.42
O4 NAG B . 13.16 22.87 -5.96
O5 NAG B . 10.95 21.59 -3.44
O6 NAG B . 13.71 20.16 -3.25
O7 NAG B . 6.96 23.87 -4.63
CA CA C . 11.74 -8.19 -7.13
#